data_5WXO
#
_entry.id   5WXO
#
_cell.length_a   121.070
_cell.length_b   121.070
_cell.length_c   42.880
_cell.angle_alpha   90.00
_cell.angle_beta   90.00
_cell.angle_gamma   120.00
#
_symmetry.space_group_name_H-M   'H 3'
#
loop_
_entity.id
_entity.type
_entity.pdbx_description
1 polymer 'Urokinase-type plasminogen activator chain B'
2 polymer 'upain-2-2-W3A peptide'
3 water water
#
loop_
_entity_poly.entity_id
_entity_poly.type
_entity_poly.pdbx_seq_one_letter_code
_entity_poly.pdbx_strand_id
1 'polypeptide(L)'
;IIGGEFTTIENQPWFAAIYRRHRGGSVTYVCGGSLISPCWVISATHCFIDYPKKEDYIVYLGRSRLNSNTQGEMKFEVEN
LILHKDYSADTLAHHNDIALLKIRSKEGRCAQPSRTIQTIALPSMYNDPQFGTSCEITGFGKEQSTDYLYPEQLKMTVVK
LISHRECQQPHYYGSEVTTKMLCAADPQWKTDSCQGDSGGPLVCSLQGRMTLTGIVSWGRGCALKDKPGVYTRVSHFLPW
IRSHTKEENGLAL
;
U
2 'polypeptide(L)' CSA(HRG)GLENHAAC P
#
# COMPACT_ATOMS: atom_id res chain seq x y z
N ILE A 1 -11.08 0.80 0.49
CA ILE A 1 -11.47 0.46 -0.92
C ILE A 1 -12.93 0.90 -1.15
N ILE A 2 -13.17 1.90 -2.00
CA ILE A 2 -14.47 2.28 -2.40
C ILE A 2 -14.95 1.30 -3.50
N GLY A 3 -16.13 0.76 -3.29
CA GLY A 3 -16.67 -0.19 -4.20
C GLY A 3 -15.89 -1.51 -4.08
N GLY A 4 -15.79 -2.25 -5.17
CA GLY A 4 -15.04 -3.51 -5.07
C GLY A 4 -15.79 -4.56 -4.35
N GLU A 5 -15.03 -5.48 -3.74
CA GLU A 5 -15.66 -6.59 -3.08
C GLU A 5 -14.91 -7.01 -1.85
N PHE A 6 -15.59 -7.68 -0.93
CA PHE A 6 -14.92 -8.20 0.22
C PHE A 6 -14.11 -9.42 -0.27
N THR A 7 -13.07 -9.68 0.46
CA THR A 7 -12.16 -10.75 0.16
C THR A 7 -11.61 -11.31 1.45
N THR A 8 -10.68 -12.26 1.31
CA THR A 8 -9.94 -12.81 2.44
C THR A 8 -8.46 -12.95 1.99
N ILE A 9 -7.64 -13.16 2.99
CA ILE A 9 -6.18 -13.14 2.78
C ILE A 9 -5.63 -14.19 1.85
N GLU A 10 -6.37 -15.29 1.67
CA GLU A 10 -6.00 -16.26 0.59
C GLU A 10 -5.94 -15.67 -0.78
N ASN A 11 -6.74 -14.63 -1.06
CA ASN A 11 -6.72 -14.01 -2.31
C ASN A 11 -5.68 -12.87 -2.52
N GLN A 12 -4.93 -12.62 -1.47
CA GLN A 12 -3.86 -11.62 -1.46
C GLN A 12 -2.92 -11.92 -0.33
N PRO A 13 -2.22 -13.11 -0.40
CA PRO A 13 -1.54 -13.63 0.80
C PRO A 13 -0.20 -12.97 1.15
N TRP A 14 0.20 -12.03 0.34
CA TRP A 14 1.35 -11.17 0.61
C TRP A 14 0.91 -9.91 1.34
N PHE A 15 -0.39 -9.70 1.52
CA PHE A 15 -0.88 -8.43 2.13
C PHE A 15 -0.52 -8.40 3.61
N ALA A 16 0.12 -7.28 4.00
CA ALA A 16 0.51 -7.01 5.35
C ALA A 16 -0.27 -5.89 5.97
N ALA A 17 -0.73 -6.16 7.18
CA ALA A 17 -1.53 -5.23 7.99
C ALA A 17 -0.63 -4.60 9.05
N ILE A 18 -0.46 -3.26 8.96
CA ILE A 18 0.50 -2.52 9.84
C ILE A 18 -0.24 -1.60 10.81
N TYR A 19 0.07 -1.74 12.09
CA TYR A 19 -0.56 -1.07 13.16
C TYR A 19 0.43 -0.30 14.00
N ARG A 20 -0.05 0.65 14.77
CA ARG A 20 0.81 1.39 15.65
C ARG A 20 0.32 1.33 17.05
N ARG A 21 1.23 1.06 17.98
CA ARG A 21 0.87 1.00 19.39
C ARG A 21 0.99 2.39 19.94
N HIS A 22 0.06 2.74 20.78
CA HIS A 22 0.10 4.02 21.42
C HIS A 22 0.61 3.92 22.85
N ARG A 23 0.99 5.09 23.33
CA ARG A 23 1.50 5.37 24.66
C ARG A 23 0.19 5.21 25.34
N GLY A 24 0.14 4.33 26.32
CA GLY A 24 -1.09 4.02 26.99
C GLY A 24 -1.58 2.66 26.51
N GLY A 25 -0.99 2.19 25.42
CA GLY A 25 -1.30 0.88 24.89
C GLY A 25 -2.40 0.58 23.87
N SER A 26 -3.17 1.58 23.41
CA SER A 26 -4.17 1.26 22.39
C SER A 26 -3.41 1.01 21.10
N VAL A 27 -3.95 0.18 20.23
CA VAL A 27 -3.36 -0.16 18.95
C VAL A 27 -4.31 0.24 17.84
N THR A 28 -3.82 0.93 16.84
CA THR A 28 -4.63 1.39 15.75
C THR A 28 -4.01 1.05 14.41
N TYR A 29 -4.86 0.86 13.43
CA TYR A 29 -4.36 0.50 12.07
C TYR A 29 -3.72 1.75 11.43
N VAL A 30 -2.65 1.54 10.73
CA VAL A 30 -1.86 2.57 10.01
C VAL A 30 -2.09 2.45 8.52
N CYS A 31 -1.63 1.33 7.94
CA CYS A 31 -1.43 1.24 6.50
C CYS A 31 -1.27 -0.25 6.15
N GLY A 32 -1.41 -0.49 4.89
CA GLY A 32 -1.07 -1.74 4.25
C GLY A 32 0.39 -1.84 3.88
N GLY A 33 0.79 -3.04 3.47
CA GLY A 33 2.11 -3.30 2.90
C GLY A 33 2.06 -4.63 2.16
N SER A 34 3.18 -5.03 1.60
CA SER A 34 3.27 -6.30 0.81
C SER A 34 4.55 -7.01 1.22
N LEU A 35 4.42 -8.28 1.46
CA LEU A 35 5.57 -9.20 1.75
C LEU A 35 6.33 -9.56 0.49
N ILE A 36 7.59 -9.09 0.39
CA ILE A 36 8.38 -9.29 -0.75
C ILE A 36 9.51 -10.35 -0.49
N SER A 37 9.75 -10.68 0.76
CA SER A 37 10.62 -11.81 1.17
C SER A 37 10.23 -12.14 2.58
N PRO A 38 10.72 -13.28 3.11
CA PRO A 38 10.20 -13.60 4.39
C PRO A 38 10.42 -12.58 5.44
N CYS A 39 11.53 -11.82 5.39
CA CYS A 39 11.82 -10.85 6.48
C CYS A 39 11.50 -9.41 6.08
N TRP A 40 10.97 -9.19 4.89
CA TRP A 40 10.74 -7.77 4.42
C TRP A 40 9.34 -7.51 3.90
N VAL A 41 8.77 -6.42 4.45
CA VAL A 41 7.53 -5.81 3.90
C VAL A 41 7.79 -4.47 3.31
N ILE A 42 7.16 -4.22 2.17
CA ILE A 42 7.27 -2.97 1.50
C ILE A 42 5.99 -2.16 1.63
N SER A 43 6.13 -0.86 1.86
CA SER A 43 4.99 -0.01 2.10
C SER A 43 5.30 1.41 1.59
N ALA A 44 4.60 2.43 2.13
CA ALA A 44 4.78 3.83 1.77
C ALA A 44 5.40 4.62 2.96
N THR A 45 6.39 5.46 2.67
CA THR A 45 6.98 6.29 3.71
C THR A 45 5.98 7.21 4.42
N HIS A 46 5.00 7.74 3.71
CA HIS A 46 4.09 8.69 4.38
C HIS A 46 3.30 8.08 5.52
N CYS A 47 3.19 6.75 5.54
CA CYS A 47 2.54 6.07 6.61
C CYS A 47 3.27 6.19 7.96
N PHE A 48 4.59 6.42 7.91
CA PHE A 48 5.45 6.34 9.09
C PHE A 48 6.17 7.67 9.42
N ILE A 49 6.14 8.61 8.51
CA ILE A 49 7.10 9.75 8.58
C ILE A 49 6.85 10.51 9.85
N ASP A 50 5.62 10.72 10.34
CA ASP A 50 5.36 11.50 11.58
C ASP A 50 5.69 10.79 12.86
N TYR A 51 5.86 9.28 12.77
CA TYR A 51 6.16 8.52 13.98
C TYR A 51 7.20 7.53 13.59
N PRO A 52 8.52 8.02 13.31
CA PRO A 52 9.37 7.11 12.54
C PRO A 52 10.17 6.10 13.37
N LYS A 53 9.68 5.79 14.54
CA LYS A 53 10.33 4.89 15.49
C LYS A 53 9.81 3.44 15.29
N LYS A 54 10.72 2.54 14.93
CA LYS A 54 10.34 1.13 14.61
C LYS A 54 9.57 0.49 15.72
N GLU A 55 9.90 0.92 17.19
CA GLU A 55 9.26 0.13 18.25
C GLU A 55 7.76 0.41 18.37
N ASP A 56 7.26 1.40 17.60
CA ASP A 56 5.88 1.84 17.66
C ASP A 56 4.97 0.87 16.87
N TYR A 57 5.54 0.03 16.03
CA TYR A 57 4.71 -0.73 15.02
C TYR A 57 4.64 -2.23 15.24
N ILE A 58 3.52 -2.77 14.76
CA ILE A 58 3.24 -4.18 14.77
C ILE A 58 2.73 -4.54 13.33
N VAL A 59 3.21 -5.64 12.80
CA VAL A 59 2.93 -6.08 11.49
C VAL A 59 2.24 -7.46 11.61
N TYR A 60 1.06 -7.60 11.01
CA TYR A 60 0.45 -8.96 10.85
C TYR A 60 0.51 -9.40 9.40
N LEU A 61 0.70 -10.70 9.20
CA LEU A 61 0.59 -11.40 7.94
C LEU A 61 -0.48 -12.50 8.15
N GLY A 62 -1.11 -12.88 7.05
CA GLY A 62 -2.18 -13.89 7.12
C GLY A 62 -3.45 -13.42 7.82
N ARG A 63 -3.69 -12.11 7.80
CA ARG A 63 -4.84 -11.54 8.49
C ARG A 63 -5.91 -10.99 7.52
N SER A 64 -7.14 -11.47 7.70
CA SER A 64 -8.29 -11.07 6.83
C SER A 64 -9.22 -10.05 7.48
N ARG A 65 -9.12 -9.83 8.77
CA ARG A 65 -9.99 -8.94 9.54
C ARG A 65 -9.17 -7.92 10.31
N LEU A 66 -9.75 -6.73 10.46
CA LEU A 66 -8.96 -5.60 11.05
C LEU A 66 -8.75 -5.71 12.54
N ASN A 67 -9.76 -6.20 13.23
CA ASN A 67 -9.75 -6.15 14.67
C ASN A 67 -10.07 -7.43 15.29
N SER A 68 -9.87 -8.48 14.55
CA SER A 68 -10.10 -9.80 15.08
C SER A 68 -9.04 -10.68 14.46
N ASN A 69 -8.57 -11.65 15.23
CA ASN A 69 -7.51 -12.53 14.79
C ASN A 69 -8.11 -13.43 13.71
N THR A 70 -7.29 -13.80 12.73
CA THR A 70 -7.64 -14.73 11.72
C THR A 70 -6.81 -16.00 12.08
N GLN A 71 -7.41 -17.17 11.96
CA GLN A 71 -6.69 -18.39 12.22
C GLN A 71 -5.50 -18.48 11.25
N GLY A 72 -4.34 -18.78 11.82
CA GLY A 72 -3.11 -18.98 11.09
C GLY A 72 -2.26 -17.72 11.02
N GLU A 73 -2.73 -16.61 11.55
CA GLU A 73 -1.99 -15.34 11.28
C GLU A 73 -0.66 -15.32 11.99
N MET A 74 0.27 -14.43 11.58
CA MET A 74 1.49 -14.24 12.36
C MET A 74 1.70 -12.74 12.66
N LYS A 75 2.28 -12.46 13.81
CA LYS A 75 2.43 -11.15 14.33
C LYS A 75 3.95 -10.90 14.47
N PHE A 76 4.40 -9.71 14.08
CA PHE A 76 5.82 -9.35 14.04
C PHE A 76 6.05 -7.96 14.59
N GLU A 77 7.15 -7.84 15.34
CA GLU A 77 7.76 -6.54 15.51
C GLU A 77 8.56 -6.06 14.31
N VAL A 78 8.95 -4.77 14.35
CA VAL A 78 9.67 -4.15 13.27
C VAL A 78 11.14 -3.98 13.72
N GLU A 79 11.97 -4.79 13.13
CA GLU A 79 13.37 -4.85 13.52
C GLU A 79 14.07 -3.64 12.89
N ASN A 80 13.67 -3.25 11.68
CA ASN A 80 14.16 -2.03 11.04
C ASN A 80 13.09 -1.34 10.21
N LEU A 81 13.03 -0.01 10.29
CA LEU A 81 12.09 0.81 9.56
C LEU A 81 12.92 1.74 8.63
N ILE A 82 12.90 1.44 7.34
CA ILE A 82 13.70 2.13 6.35
C ILE A 82 12.81 3.03 5.46
N LEU A 83 12.94 4.36 5.57
CA LEU A 83 12.18 5.32 4.83
C LEU A 83 13.06 5.87 3.74
N HIS A 84 12.47 6.42 2.67
CA HIS A 84 13.26 6.81 1.53
C HIS A 84 13.83 8.19 1.76
N LYS A 85 15.14 8.31 1.61
CA LYS A 85 15.89 9.56 1.89
C LYS A 85 15.36 10.81 1.16
N ASP A 86 14.82 10.61 -0.01
CA ASP A 86 14.35 11.69 -0.82
C ASP A 86 12.88 11.88 -0.79
N TYR A 87 12.23 11.35 0.23
CA TYR A 87 10.83 11.60 0.41
C TYR A 87 10.55 13.11 0.41
N SER A 88 9.43 13.50 -0.22
CA SER A 88 8.89 14.84 0.01
C SER A 88 7.39 14.87 -0.15
N ALA A 89 6.77 15.83 0.47
CA ALA A 89 5.38 16.03 0.12
C ALA A 89 4.92 17.48 -0.11
N ASP A 90 4.03 17.58 -1.09
CA ASP A 90 3.24 18.70 -1.57
C ASP A 90 2.08 18.79 -0.63
N THR A 91 1.08 19.55 -1.01
CA THR A 91 -0.22 19.52 -0.40
C THR A 91 -1.02 18.23 -0.67
N LEU A 92 -0.71 17.59 -1.81
CA LEU A 92 -1.34 16.38 -2.33
C LEU A 92 -0.33 15.27 -2.55
N ALA A 93 0.72 15.58 -3.26
CA ALA A 93 1.60 14.61 -3.84
C ALA A 93 2.76 14.20 -2.97
N HIS A 94 3.07 12.92 -2.95
CA HIS A 94 4.18 12.47 -2.20
C HIS A 94 5.18 11.86 -3.16
N HIS A 95 6.41 12.31 -3.08
CA HIS A 95 7.49 11.83 -3.93
C HIS A 95 8.30 10.80 -3.17
N ASN A 96 8.78 9.81 -3.91
CA ASN A 96 9.58 8.72 -3.38
C ASN A 96 8.88 8.08 -2.16
N ASP A 97 7.58 7.77 -2.33
CA ASP A 97 6.77 7.31 -1.19
C ASP A 97 6.86 5.80 -1.07
N ILE A 98 7.97 5.35 -0.53
CA ILE A 98 8.32 3.94 -0.45
C ILE A 98 9.07 3.70 0.83
N ALA A 99 8.81 2.61 1.52
CA ALA A 99 9.37 2.26 2.81
C ALA A 99 9.58 0.74 2.89
N LEU A 100 10.55 0.29 3.65
CA LEU A 100 10.78 -1.11 3.92
C LEU A 100 10.72 -1.40 5.41
N LEU A 101 10.02 -2.43 5.80
CA LEU A 101 10.01 -2.87 7.13
C LEU A 101 10.60 -4.26 7.20
N LYS A 102 11.68 -4.41 7.96
CA LYS A 102 12.16 -5.73 8.31
C LYS A 102 11.47 -6.28 9.54
N ILE A 103 10.84 -7.43 9.38
CA ILE A 103 10.03 -7.99 10.40
C ILE A 103 10.62 -9.16 11.17
N ARG A 104 10.39 -9.15 12.46
CA ARG A 104 10.86 -10.22 13.30
C ARG A 104 9.91 -10.50 14.43
N SER A 105 9.60 -11.76 14.64
CA SER A 105 8.68 -12.15 15.71
C SER A 105 9.34 -12.08 17.06
N LYS A 106 8.54 -12.26 18.11
CA LYS A 106 9.02 -12.26 19.49
C LYS A 106 10.03 -13.40 19.67
N GLU A 107 9.88 -14.44 18.88
CA GLU A 107 10.78 -15.60 18.88
C GLU A 107 11.97 -15.40 17.96
N GLY A 108 12.07 -14.25 17.30
CA GLY A 108 13.16 -14.00 16.38
C GLY A 108 13.08 -14.58 15.00
N ARG A 109 11.89 -14.87 14.55
CA ARG A 109 11.69 -15.44 13.25
C ARG A 109 10.98 -14.52 12.23
N CYS A 110 11.15 -14.82 10.96
CA CYS A 110 10.55 -14.08 9.87
C CYS A 110 9.30 -14.84 9.46
N ALA A 111 8.69 -14.45 8.35
CA ALA A 111 7.45 -15.07 7.90
C ALA A 111 7.73 -16.53 7.51
N GLN A 112 6.75 -17.37 7.76
CA GLN A 112 6.72 -18.76 7.31
C GLN A 112 5.56 -18.90 6.28
N PRO A 113 5.87 -19.17 5.00
CA PRO A 113 4.87 -19.26 3.94
C PRO A 113 3.86 -20.36 4.26
N SER A 114 2.58 -20.08 3.96
CA SER A 114 1.47 -20.99 4.26
C SER A 114 0.36 -20.70 3.22
N ARG A 115 -0.83 -21.29 3.43
CA ARG A 115 -1.88 -21.03 2.49
C ARG A 115 -2.26 -19.54 2.61
N THR A 116 -2.00 -18.93 3.75
CA THR A 116 -2.46 -17.54 3.98
C THR A 116 -1.31 -16.52 3.94
N ILE A 117 -0.07 -16.98 3.74
CA ILE A 117 1.11 -16.08 3.86
C ILE A 117 2.09 -16.47 2.79
N GLN A 118 2.24 -15.62 1.76
CA GLN A 118 3.09 -15.80 0.57
C GLN A 118 3.75 -14.51 0.16
N THR A 119 4.90 -14.60 -0.51
CA THR A 119 5.52 -13.43 -1.08
C THR A 119 5.01 -13.10 -2.42
N ILE A 120 5.13 -11.82 -2.77
CA ILE A 120 4.85 -11.35 -4.10
C ILE A 120 6.11 -10.92 -4.88
N ALA A 121 6.12 -11.22 -6.19
CA ALA A 121 7.24 -10.92 -7.00
C ALA A 121 7.33 -9.47 -7.32
N LEU A 122 8.59 -9.01 -7.35
CA LEU A 122 8.81 -7.72 -7.86
C LEU A 122 8.88 -7.70 -9.36
N PRO A 123 8.52 -6.56 -10.00
CA PRO A 123 8.61 -6.37 -11.48
C PRO A 123 10.06 -6.33 -11.96
N SER A 124 10.27 -6.63 -13.23
CA SER A 124 11.61 -6.35 -13.87
C SER A 124 11.73 -4.85 -14.15
N MET A 125 12.96 -4.36 -14.18
CA MET A 125 13.12 -2.94 -14.21
C MET A 125 12.50 -2.27 -15.39
N TYR A 126 11.91 -1.11 -15.11
CA TYR A 126 11.31 -0.24 -16.09
C TYR A 126 10.27 -0.98 -16.94
N ASN A 127 9.67 -2.04 -16.38
CA ASN A 127 8.77 -2.91 -17.17
C ASN A 127 7.38 -2.86 -16.57
N ASP A 128 6.51 -2.01 -17.14
CA ASP A 128 5.16 -1.90 -16.61
C ASP A 128 4.13 -2.34 -17.68
N PRO A 129 2.97 -2.80 -17.23
CA PRO A 129 1.89 -3.06 -18.19
C PRO A 129 1.49 -1.82 -18.99
N GLN A 130 0.95 -2.02 -20.17
CA GLN A 130 0.45 -0.95 -21.00
C GLN A 130 -0.78 -0.24 -20.39
N PHE A 131 -0.96 1.01 -20.74
CA PHE A 131 -2.08 1.76 -20.19
C PHE A 131 -3.35 0.98 -20.51
N GLY A 132 -4.37 1.10 -19.66
CA GLY A 132 -5.63 0.44 -19.88
C GLY A 132 -5.69 -0.97 -19.37
N THR A 133 -4.55 -1.50 -18.91
CA THR A 133 -4.48 -2.79 -18.29
C THR A 133 -5.18 -2.73 -16.93
N SER A 134 -5.90 -3.80 -16.65
CA SER A 134 -6.65 -3.93 -15.38
C SER A 134 -5.72 -4.50 -14.35
N CYS A 135 -5.66 -3.86 -13.17
CA CYS A 135 -4.85 -4.39 -12.06
C CYS A 135 -5.71 -4.36 -10.78
N GLU A 136 -5.25 -5.01 -9.73
CA GLU A 136 -6.05 -5.10 -8.49
C GLU A 136 -5.36 -4.34 -7.34
N ILE A 137 -6.20 -3.79 -6.45
CA ILE A 137 -5.76 -3.11 -5.25
C ILE A 137 -6.45 -3.75 -4.05
N THR A 138 -5.77 -3.80 -2.93
CA THR A 138 -6.27 -4.52 -1.71
C THR A 138 -6.04 -3.65 -0.48
N GLY A 139 -6.96 -3.66 0.46
CA GLY A 139 -6.74 -2.96 1.70
C GLY A 139 -7.94 -2.91 2.66
N PHE A 140 -7.66 -2.36 3.83
CA PHE A 140 -8.66 -2.17 4.87
C PHE A 140 -9.10 -0.69 4.98
N GLY A 141 -8.86 0.09 3.94
CA GLY A 141 -9.18 1.48 3.96
C GLY A 141 -10.69 1.75 3.83
N LYS A 142 -11.05 3.03 3.94
CA LYS A 142 -12.46 3.37 4.02
C LYS A 142 -13.26 2.89 2.83
N GLU A 143 -14.55 2.57 3.06
CA GLU A 143 -15.47 2.21 1.98
C GLU A 143 -16.22 3.37 1.27
N GLN A 144 -16.21 4.49 1.98
CA GLN A 144 -16.71 5.76 1.45
C GLN A 144 -15.87 6.84 2.01
N SER A 145 -15.69 7.92 1.23
CA SER A 145 -14.90 9.00 1.68
C SER A 145 -15.33 9.66 2.98
N THR A 146 -16.65 9.68 3.17
CA THR A 146 -17.25 10.27 4.40
C THR A 146 -17.30 9.32 5.61
N ASP A 147 -16.83 8.08 5.47
CA ASP A 147 -16.93 7.17 6.59
C ASP A 147 -16.04 7.55 7.70
N TYR A 148 -16.47 7.21 8.92
CA TYR A 148 -15.64 7.36 10.01
C TYR A 148 -14.81 6.12 10.32
N LEU A 149 -15.43 4.96 10.18
CA LEU A 149 -14.82 3.66 10.46
C LEU A 149 -14.20 3.05 9.19
N TYR A 150 -13.24 2.19 9.45
CA TYR A 150 -12.65 1.30 8.42
C TYR A 150 -13.47 0.02 8.41
N PRO A 151 -13.56 -0.68 7.27
CA PRO A 151 -14.24 -1.97 7.22
C PRO A 151 -13.49 -2.98 8.06
N GLU A 152 -14.21 -3.93 8.69
CA GLU A 152 -13.58 -4.99 9.48
C GLU A 152 -13.04 -6.09 8.60
N GLN A 153 -13.57 -6.25 7.42
CA GLN A 153 -13.15 -7.31 6.47
C GLN A 153 -12.34 -6.71 5.32
N LEU A 154 -11.27 -7.41 4.91
CA LEU A 154 -10.41 -6.98 3.81
C LEU A 154 -11.22 -6.87 2.54
N LYS A 155 -10.87 -5.89 1.70
CA LYS A 155 -11.47 -5.64 0.40
C LYS A 155 -10.45 -5.60 -0.71
N MET A 156 -10.92 -5.84 -1.89
CA MET A 156 -10.13 -5.62 -3.10
C MET A 156 -11.02 -5.11 -4.24
N THR A 157 -10.40 -4.43 -5.18
CA THR A 157 -11.05 -4.00 -6.37
C THR A 157 -10.12 -4.00 -7.54
N VAL A 158 -10.68 -3.65 -8.68
CA VAL A 158 -9.91 -3.56 -9.94
C VAL A 158 -9.94 -2.16 -10.43
N VAL A 159 -8.78 -1.66 -10.89
CA VAL A 159 -8.70 -0.33 -11.52
C VAL A 159 -7.83 -0.54 -12.78
N LYS A 160 -7.95 0.40 -13.68
CA LYS A 160 -7.16 0.38 -14.95
C LYS A 160 -6.06 1.43 -14.95
N LEU A 161 -4.92 1.02 -15.48
CA LEU A 161 -3.74 1.86 -15.54
C LEU A 161 -3.97 3.00 -16.54
N ILE A 162 -3.52 4.18 -16.16
CA ILE A 162 -3.67 5.41 -16.93
C ILE A 162 -2.30 5.89 -17.41
N SER A 163 -2.21 6.36 -18.64
CA SER A 163 -0.92 6.83 -19.18
C SER A 163 -0.50 8.05 -18.44
N HIS A 164 0.83 8.16 -18.26
CA HIS A 164 1.59 9.37 -17.92
C HIS A 164 1.00 10.60 -18.55
N ARG A 165 0.84 10.48 -19.86
CA ARG A 165 0.41 11.61 -20.67
C ARG A 165 -1.01 12.01 -20.28
N GLU A 166 -1.86 11.04 -20.02
CA GLU A 166 -3.21 11.36 -19.62
C GLU A 166 -3.22 11.90 -18.15
N CYS A 167 -2.38 11.33 -17.27
CA CYS A 167 -2.48 11.68 -15.86
C CYS A 167 -1.92 13.09 -15.62
N GLN A 168 -0.93 13.46 -16.46
CA GLN A 168 -0.35 14.79 -16.65
C GLN A 168 -1.27 15.96 -17.04
N GLN A 169 -2.47 15.69 -17.56
CA GLN A 169 -3.34 16.79 -18.05
C GLN A 169 -3.78 17.63 -16.87
N PRO A 170 -3.76 19.10 -17.09
CA PRO A 170 -4.15 19.91 -15.95
C PRO A 170 -5.33 19.35 -15.15
N HIS A 171 -6.52 18.87 -15.98
CA HIS A 171 -7.81 18.59 -15.32
C HIS A 171 -7.70 17.25 -14.58
N TYR A 172 -6.62 16.52 -14.79
CA TYR A 172 -6.24 15.40 -13.85
C TYR A 172 -5.29 15.96 -12.77
N TYR A 173 -4.00 15.66 -12.81
CA TYR A 173 -3.04 16.09 -11.81
C TYR A 173 -1.89 16.98 -12.31
N GLY A 174 -1.90 17.35 -13.59
CA GLY A 174 -0.84 18.25 -14.11
C GLY A 174 0.52 17.77 -13.69
N SER A 175 1.33 18.71 -13.14
CA SER A 175 2.73 18.46 -12.77
C SER A 175 2.93 17.61 -11.50
N GLU A 176 1.84 17.37 -10.79
CA GLU A 176 1.96 16.65 -9.53
C GLU A 176 2.46 15.21 -9.76
N VAL A 177 2.17 14.60 -10.93
CA VAL A 177 2.56 13.23 -11.19
C VAL A 177 3.87 13.21 -11.95
N THR A 178 4.77 12.36 -11.49
CA THR A 178 6.08 12.22 -12.05
C THR A 178 6.16 10.87 -12.74
N THR A 179 7.27 10.60 -13.40
CA THR A 179 7.56 9.30 -13.96
C THR A 179 7.81 8.15 -12.98
N LYS A 180 8.05 8.43 -11.69
CA LYS A 180 8.22 7.44 -10.69
C LYS A 180 6.81 7.13 -10.05
N MET A 181 5.76 7.64 -10.62
CA MET A 181 4.38 7.33 -10.14
C MET A 181 3.56 6.73 -11.25
N LEU A 182 2.52 5.98 -10.87
CA LEU A 182 1.60 5.36 -11.81
C LEU A 182 0.19 5.76 -11.39
N CYS A 183 -0.65 6.17 -12.33
CA CYS A 183 -2.06 6.46 -12.05
C CYS A 183 -2.92 5.27 -12.45
N ALA A 184 -4.00 5.05 -11.72
CA ALA A 184 -4.95 3.99 -12.06
C ALA A 184 -6.32 4.45 -11.56
N ALA A 185 -7.36 4.11 -12.29
CA ALA A 185 -8.75 4.48 -11.94
C ALA A 185 -9.74 3.61 -12.64
N ASP A 186 -10.98 3.70 -12.16
CA ASP A 186 -12.11 3.09 -12.81
C ASP A 186 -12.66 4.03 -13.91
N PRO A 187 -13.08 3.36 -15.19
CA PRO A 187 -13.52 4.29 -16.26
C PRO A 187 -14.70 5.16 -15.82
N GLN A 188 -15.74 4.54 -14.80
CA GLN A 188 -16.81 5.36 -14.27
C GLN A 188 -16.46 6.06 -12.98
N TRP A 189 -15.19 5.98 -12.57
CA TRP A 189 -14.69 6.51 -11.26
C TRP A 189 -15.44 5.95 -10.06
N LYS A 190 -15.95 4.74 -10.18
CA LYS A 190 -16.88 4.31 -9.18
C LYS A 190 -16.21 3.45 -8.10
N THR A 191 -14.97 3.00 -8.35
CA THR A 191 -14.21 2.21 -7.41
C THR A 191 -12.77 2.75 -7.31
N ASP A 192 -12.12 2.62 -6.17
CA ASP A 192 -10.83 3.25 -5.94
C ASP A 192 -10.23 2.80 -4.62
N SER A 193 -8.97 3.16 -4.42
CA SER A 193 -8.40 3.17 -3.09
C SER A 193 -8.84 4.43 -2.30
N CYS A 194 -8.81 4.35 -0.96
CA CYS A 194 -9.08 5.45 -0.11
C CYS A 194 -8.21 5.50 1.12
N GLN A 195 -8.49 6.43 2.01
CA GLN A 195 -7.80 6.55 3.32
C GLN A 195 -7.68 5.23 4.05
N GLY A 196 -6.46 4.87 4.39
CA GLY A 196 -6.18 3.58 5.03
C GLY A 196 -5.79 2.49 4.08
N ASP A 197 -5.91 2.75 2.80
CA ASP A 197 -5.36 1.81 1.83
C ASP A 197 -3.89 2.04 1.49
N SER A 198 -3.37 3.21 1.82
CA SER A 198 -1.99 3.54 1.57
C SER A 198 -1.02 2.49 2.00
N GLY A 199 0.05 2.37 1.24
CA GLY A 199 1.08 1.34 1.46
C GLY A 199 0.77 -0.02 0.85
N GLY A 200 -0.50 -0.25 0.50
CA GLY A 200 -0.89 -1.54 0.01
C GLY A 200 -0.58 -1.75 -1.45
N PRO A 201 -0.83 -3.01 -1.93
CA PRO A 201 -0.40 -3.42 -3.26
C PRO A 201 -1.29 -3.06 -4.39
N LEU A 202 -0.70 -2.56 -5.44
CA LEU A 202 -1.28 -2.60 -6.77
C LEU A 202 -0.62 -3.73 -7.58
N VAL A 203 -1.42 -4.77 -7.87
CA VAL A 203 -0.89 -6.03 -8.48
C VAL A 203 -1.43 -6.20 -9.92
N CYS A 204 -0.50 -6.43 -10.86
CA CYS A 204 -0.90 -6.69 -12.27
C CYS A 204 -0.26 -7.98 -12.68
N SER A 205 -0.82 -8.58 -13.72
CA SER A 205 -0.29 -9.84 -14.21
C SER A 205 0.68 -9.47 -15.29
N LEU A 206 1.92 -9.89 -15.15
CA LEU A 206 2.94 -9.42 -16.08
C LEU A 206 3.66 -10.66 -16.57
N GLN A 207 3.62 -10.91 -17.88
CA GLN A 207 4.17 -12.15 -18.48
C GLN A 207 3.66 -13.38 -17.73
N GLY A 208 2.36 -13.40 -17.45
CA GLY A 208 1.75 -14.48 -16.71
C GLY A 208 2.17 -14.58 -15.25
N ARG A 209 2.77 -13.52 -14.71
CA ARG A 209 3.22 -13.53 -13.34
C ARG A 209 2.52 -12.39 -12.55
N MET A 210 2.05 -12.68 -11.36
CA MET A 210 1.42 -11.61 -10.49
C MET A 210 2.61 -10.83 -9.94
N THR A 211 2.56 -9.51 -10.08
CA THR A 211 3.72 -8.66 -9.91
C THR A 211 3.30 -7.44 -9.11
N LEU A 212 4.15 -7.09 -8.14
CA LEU A 212 3.89 -5.78 -7.41
C LEU A 212 4.22 -4.57 -8.28
N THR A 213 3.25 -4.04 -8.97
CA THR A 213 3.40 -2.96 -9.91
C THR A 213 3.49 -1.57 -9.20
N GLY A 214 2.68 -1.44 -8.16
CA GLY A 214 2.55 -0.21 -7.47
C GLY A 214 2.31 -0.36 -5.99
N ILE A 215 2.47 0.78 -5.29
CA ILE A 215 2.24 0.88 -3.89
C ILE A 215 1.27 2.08 -3.75
N VAL A 216 0.15 1.86 -3.07
CA VAL A 216 -0.85 2.95 -2.90
C VAL A 216 -0.20 4.18 -2.20
N SER A 217 -0.31 5.35 -2.81
CA SER A 217 0.41 6.54 -2.30
C SER A 217 -0.47 7.76 -2.02
N TRP A 218 -1.18 8.25 -3.01
CA TRP A 218 -1.94 9.48 -2.88
C TRP A 218 -3.05 9.65 -3.89
N GLY A 219 -3.90 10.68 -3.66
CA GLY A 219 -4.95 11.05 -4.56
C GLY A 219 -5.72 12.21 -3.99
N ARG A 220 -6.45 12.91 -4.82
CA ARG A 220 -7.35 13.98 -4.38
C ARG A 220 -8.71 13.27 -4.20
N GLY A 221 -9.19 13.29 -2.90
CA GLY A 221 -10.33 12.40 -2.63
C GLY A 221 -10.15 10.94 -2.98
N CYS A 222 -11.29 10.29 -3.20
CA CYS A 222 -11.39 8.92 -3.54
C CYS A 222 -12.53 8.72 -4.50
N ALA A 223 -12.36 7.95 -5.58
CA ALA A 223 -13.41 7.61 -6.52
C ALA A 223 -14.08 8.93 -6.98
N LEU A 224 -13.22 9.87 -7.34
CA LEU A 224 -13.59 11.22 -7.76
C LEU A 224 -13.27 11.41 -9.24
N LYS A 225 -14.24 11.87 -10.03
CA LYS A 225 -14.02 12.13 -11.45
C LYS A 225 -12.80 13.02 -11.69
N ASP A 226 -11.87 12.54 -12.70
CA ASP A 226 -10.63 13.06 -13.19
C ASP A 226 -9.56 13.11 -12.11
N LYS A 227 -9.71 12.29 -11.08
CA LYS A 227 -8.74 12.27 -9.98
C LYS A 227 -8.38 10.84 -9.66
N PRO A 228 -7.45 10.29 -10.42
CA PRO A 228 -7.10 8.91 -10.21
C PRO A 228 -6.40 8.62 -8.91
N GLY A 229 -6.29 7.32 -8.55
CA GLY A 229 -5.37 6.96 -7.49
C GLY A 229 -3.96 7.06 -8.03
N VAL A 230 -3.02 7.41 -7.15
CA VAL A 230 -1.62 7.51 -7.53
C VAL A 230 -0.75 6.59 -6.66
N TYR A 231 0.11 5.84 -7.37
CA TYR A 231 0.84 4.71 -6.89
C TYR A 231 2.32 4.94 -7.11
N THR A 232 3.14 4.51 -6.20
CA THR A 232 4.58 4.56 -6.37
C THR A 232 4.90 3.46 -7.41
N ARG A 233 5.72 3.79 -8.39
CA ARG A 233 5.99 2.89 -9.53
C ARG A 233 7.18 2.02 -9.14
N VAL A 234 6.91 0.78 -8.71
CA VAL A 234 7.85 -0.07 -8.07
C VAL A 234 9.05 -0.40 -9.05
N SER A 235 8.74 -0.47 -10.33
CA SER A 235 9.74 -0.85 -11.34
C SER A 235 10.81 0.21 -11.47
N HIS A 236 10.61 1.40 -10.90
CA HIS A 236 11.63 2.47 -10.92
C HIS A 236 12.40 2.53 -9.61
N PHE A 237 12.16 1.65 -8.63
CA PHE A 237 12.90 1.68 -7.38
C PHE A 237 13.66 0.40 -7.12
N LEU A 238 13.93 -0.43 -8.15
CA LEU A 238 14.52 -1.68 -7.83
C LEU A 238 15.95 -1.61 -7.19
N PRO A 239 16.74 -0.60 -7.59
CA PRO A 239 18.06 -0.55 -6.93
C PRO A 239 17.97 -0.19 -5.44
N TRP A 240 17.08 0.74 -5.13
CA TRP A 240 16.78 1.13 -3.75
C TRP A 240 16.31 -0.08 -2.96
N ILE A 241 15.36 -0.87 -3.51
CA ILE A 241 14.84 -2.00 -2.78
C ILE A 241 15.94 -3.05 -2.59
N ARG A 242 16.65 -3.33 -3.67
CA ARG A 242 17.73 -4.32 -3.66
C ARG A 242 18.79 -3.98 -2.64
N SER A 243 19.21 -2.75 -2.66
CA SER A 243 20.20 -2.29 -1.71
C SER A 243 19.76 -2.30 -0.25
N HIS A 244 18.58 -1.78 0.06
CA HIS A 244 18.13 -1.73 1.44
C HIS A 244 17.67 -3.04 2.06
N THR A 245 17.47 -4.08 1.24
CA THR A 245 17.00 -5.33 1.78
C THR A 245 18.14 -6.12 2.39
N LYS A 246 19.14 -5.32 2.79
CA LYS A 246 20.40 -5.59 3.48
C LYS A 246 21.20 -6.79 3.03
N CYS B 1 -6.75 15.15 5.34
CA CYS B 1 -6.83 14.13 6.47
C CYS B 1 -7.89 13.07 6.26
N SER B 2 -8.95 13.41 5.53
CA SER B 2 -10.07 12.50 5.25
C SER B 2 -9.74 11.49 4.13
N ALA B 3 -8.57 11.67 3.52
CA ALA B 3 -8.09 10.92 2.34
C ALA B 3 -6.66 10.34 2.47
N GLY B 5 -2.61 10.00 1.90
CA GLY B 5 -1.34 10.62 2.11
C GLY B 5 -1.04 11.17 3.49
N LEU B 6 -2.00 11.30 4.31
CA LEU B 6 -1.86 11.79 5.68
C LEU B 6 -2.18 10.74 6.73
N GLU B 7 -2.31 9.45 6.35
CA GLU B 7 -2.55 8.42 7.37
C GLU B 7 -1.45 8.52 8.45
N ASN B 8 -1.80 8.32 9.72
CA ASN B 8 -0.83 8.32 10.82
C ASN B 8 -0.02 9.66 10.93
N HIS B 9 -0.68 10.81 10.76
CA HIS B 9 0.02 12.11 10.87
C HIS B 9 -0.51 12.84 12.09
N ALA B 10 0.40 13.46 12.85
CA ALA B 10 0.06 14.08 14.12
C ALA B 10 -0.98 15.18 13.96
N ALA B 11 -0.92 15.91 12.84
CA ALA B 11 -1.86 17.01 12.55
C ALA B 11 -3.22 16.56 11.98
N CYS B 12 -3.54 15.27 12.07
CA CYS B 12 -4.86 14.74 11.66
C CYS B 12 -5.64 14.13 12.83
#